data_9IPY
#
_entry.id   9IPY
#
loop_
_entity.id
_entity.type
_entity.pdbx_description
1 polymer 'C3a anaphylatoxin chemotactic receptor,Soluble cytochrome b562'
2 non-polymer '(2~{S})-5-[bis(azanyl)methylideneamino]-2-[[5-[bis(4-chlorophenyl)methyl]-3-methyl-thiophen-2-yl]carbonylamino]pentanoic acid'
#
_entity_poly.entity_id   1
_entity_poly.type   'polypeptide(L)'
_entity_poly.pdbx_seq_one_letter_code
;DYKDDDDAIDASFSAETNSTDLLSQPWNEPPVILSMVILSLTFLLGLPGNGLVLWVAGLKMQRTVNTIWFLHLTLADLLC
CLSLPFSLAHLALQGQWPYGRFLCKLIPSIIVLNMFASVFLLTAISLDRCLVVFKPIWCQNHRNVGMACSICGCIWVVAF
VMCIPVFVYREIFTTDNHNRCGYKFGLSSSLDYPDFYGDPLENRSLENIVQPPGEMNDRLDPSSFQTNDHPWTVPTVFQP
QTFQRPSADSLPRGSARLTSQNLYSNVFKPADVVSPKIPSGFPIEDHETSPLDNSDAFLSTHLKLFPSASSNSFYESELP
QGFQDYYNLGQFTDDDQVPTPLVAITITRLVVGFLLPSVIMIACYSFIVFRMQRARRQLADLEDNWETLNDNLKVIEKAD
NAAQVKDALTKMRAAALDAQKATPPKLEDKSPDSPEMKDFRHGFDILVGQIDDALKLANEGKVKEAQAAAEQLKTTRNAY
IQKYLERARSTLKSQSKTFRVAVVVVAVFLVCWTPYHIFGVLSLLTDPETPLGKTLMSWDHVCIALASANSCFNPFLYAL
LGKDFRKKARQSIQGILEAAFSEELTRSTHCPSNNVISERNSTTVASLEVLFQ
;
_entity_poly.pdbx_strand_id   R
#
# COMPACT_ATOMS: atom_id res chain seq x y z
N GLU A 29 2.33 -34.86 18.17
CA GLU A 29 1.52 -35.68 17.26
C GLU A 29 0.14 -35.06 17.00
N PRO A 30 -0.53 -34.52 18.03
CA PRO A 30 -1.71 -33.68 17.78
C PRO A 30 -1.40 -32.50 16.88
N PRO A 31 -0.20 -31.88 16.96
CA PRO A 31 0.12 -30.84 15.97
C PRO A 31 -0.05 -31.27 14.53
N VAL A 32 0.14 -32.56 14.24
CA VAL A 32 -0.13 -33.04 12.88
C VAL A 32 -1.61 -32.85 12.53
N ILE A 33 -2.50 -33.17 13.49
CA ILE A 33 -3.93 -32.96 13.26
C ILE A 33 -4.24 -31.47 13.15
N LEU A 34 -3.53 -30.64 13.91
CA LEU A 34 -3.68 -29.19 13.76
C LEU A 34 -3.29 -28.75 12.36
N SER A 35 -2.21 -29.31 11.84
CA SER A 35 -1.78 -29.01 10.49
C SER A 35 -2.84 -29.39 9.48
N MET A 36 -3.40 -30.60 9.59
CA MET A 36 -4.40 -31.00 8.59
C MET A 36 -5.65 -30.14 8.67
N VAL A 37 -6.10 -29.79 9.88
CA VAL A 37 -7.30 -28.96 9.97
C VAL A 37 -7.02 -27.57 9.42
N ILE A 38 -5.83 -27.02 9.66
CA ILE A 38 -5.46 -25.73 9.06
C ILE A 38 -5.50 -25.81 7.55
N LEU A 39 -4.92 -26.87 6.99
CA LEU A 39 -4.88 -27.00 5.53
C LEU A 39 -6.29 -27.12 4.97
N SER A 40 -7.14 -27.92 5.62
CA SER A 40 -8.52 -28.10 5.16
C SER A 40 -9.29 -26.79 5.21
N LEU A 41 -9.15 -26.03 6.31
CA LEU A 41 -9.84 -24.76 6.41
C LEU A 41 -9.39 -23.79 5.33
N THR A 42 -8.08 -23.74 5.07
CA THR A 42 -7.59 -22.87 4.01
C THR A 42 -8.15 -23.29 2.65
N PHE A 43 -8.19 -24.59 2.38
CA PHE A 43 -8.73 -25.04 1.10
C PHE A 43 -10.20 -24.66 0.95
N LEU A 44 -10.99 -24.83 2.01
CA LEU A 44 -12.43 -24.58 1.88
C LEU A 44 -12.75 -23.10 1.74
N LEU A 45 -11.95 -22.21 2.34
CA LEU A 45 -12.23 -20.79 2.32
C LEU A 45 -11.36 -20.02 1.33
N GLY A 46 -10.57 -20.72 0.53
CA GLY A 46 -9.64 -20.03 -0.37
C GLY A 46 -10.10 -20.02 -1.81
N LEU A 47 -10.65 -21.13 -2.29
CA LEU A 47 -11.12 -21.21 -3.67
C LEU A 47 -12.23 -20.21 -3.98
N PRO A 48 -13.36 -20.18 -3.23
CA PRO A 48 -14.48 -19.31 -3.60
C PRO A 48 -14.10 -17.82 -3.67
N GLY A 49 -13.60 -17.26 -2.57
CA GLY A 49 -13.33 -15.83 -2.55
C GLY A 49 -12.30 -15.41 -3.58
N ASN A 50 -11.23 -16.21 -3.73
CA ASN A 50 -10.19 -15.86 -4.68
C ASN A 50 -10.71 -15.91 -6.11
N GLY A 51 -11.47 -16.96 -6.46
CA GLY A 51 -12.06 -17.01 -7.78
C GLY A 51 -13.04 -15.88 -8.02
N LEU A 52 -13.81 -15.54 -6.98
CA LEU A 52 -14.76 -14.42 -7.09
C LEU A 52 -13.98 -13.15 -7.45
N VAL A 53 -12.94 -12.84 -6.68
CA VAL A 53 -12.17 -11.62 -6.92
C VAL A 53 -11.59 -11.63 -8.32
N LEU A 54 -11.03 -12.78 -8.74
CA LEU A 54 -10.45 -12.87 -10.07
C LEU A 54 -11.48 -12.57 -11.16
N TRP A 55 -12.65 -13.17 -11.06
CA TRP A 55 -13.70 -12.95 -12.06
C TRP A 55 -14.17 -11.51 -12.06
N VAL A 56 -14.47 -10.97 -10.88
CA VAL A 56 -15.00 -9.62 -10.78
C VAL A 56 -14.01 -8.61 -11.36
N ALA A 57 -12.76 -8.67 -10.92
CA ALA A 57 -11.78 -7.72 -11.44
C ALA A 57 -11.44 -7.97 -12.90
N GLY A 58 -11.58 -9.21 -13.38
CA GLY A 58 -11.23 -9.49 -14.77
C GLY A 58 -12.25 -8.98 -15.77
N LEU A 59 -13.54 -9.18 -15.49
CA LEU A 59 -14.55 -8.94 -16.53
C LEU A 59 -15.48 -7.78 -16.21
N LYS A 60 -15.05 -6.85 -15.35
CA LYS A 60 -15.84 -5.66 -15.07
C LYS A 60 -15.10 -4.38 -15.39
N MET A 61 -13.88 -4.25 -14.84
CA MET A 61 -13.14 -2.96 -15.00
C MET A 61 -12.44 -2.87 -16.36
N GLN A 62 -11.56 -1.87 -16.51
CA GLN A 62 -10.86 -1.65 -17.76
C GLN A 62 -9.36 -1.53 -17.52
N ARG A 63 -8.58 -2.26 -18.31
CA ARG A 63 -7.17 -2.49 -18.02
C ARG A 63 -6.41 -1.21 -17.72
N THR A 64 -5.78 -1.19 -16.54
CA THR A 64 -4.95 -0.09 -16.10
C THR A 64 -3.68 -0.67 -15.52
N VAL A 65 -2.66 0.18 -15.38
CA VAL A 65 -1.37 -0.28 -14.92
C VAL A 65 -1.40 -0.69 -13.45
N ASN A 66 -2.45 -0.32 -12.72
CA ASN A 66 -2.49 -0.58 -11.29
C ASN A 66 -3.16 -1.91 -10.95
N THR A 67 -4.32 -2.20 -11.54
CA THR A 67 -5.08 -3.38 -11.16
C THR A 67 -4.50 -4.66 -11.75
N ILE A 68 -3.63 -4.55 -12.76
CA ILE A 68 -3.05 -5.75 -13.36
C ILE A 68 -2.16 -6.47 -12.34
N TRP A 69 -1.48 -5.71 -11.48
CA TRP A 69 -0.64 -6.33 -10.46
C TRP A 69 -1.48 -7.11 -9.45
N PHE A 70 -2.58 -6.54 -8.97
CA PHE A 70 -3.42 -7.26 -8.02
C PHE A 70 -4.07 -8.46 -8.69
N LEU A 71 -4.41 -8.36 -9.97
CA LEU A 71 -4.93 -9.52 -10.68
C LEU A 71 -3.90 -10.64 -10.73
N HIS A 72 -2.64 -10.30 -11.04
CA HIS A 72 -1.59 -11.32 -11.06
C HIS A 72 -1.38 -11.94 -9.69
N LEU A 73 -1.42 -11.12 -8.64
CA LEU A 73 -1.24 -11.64 -7.29
C LEU A 73 -2.37 -12.61 -6.91
N THR A 74 -3.61 -12.25 -7.24
CA THR A 74 -4.72 -13.14 -6.94
C THR A 74 -4.64 -14.42 -7.75
N LEU A 75 -4.20 -14.33 -9.02
CA LEU A 75 -4.04 -15.53 -9.83
C LEU A 75 -3.00 -16.46 -9.21
N ALA A 76 -1.88 -15.89 -8.75
CA ALA A 76 -0.85 -16.71 -8.10
C ALA A 76 -1.38 -17.37 -6.83
N ASP A 77 -2.14 -16.63 -6.03
CA ASP A 77 -2.70 -17.23 -4.82
C ASP A 77 -3.67 -18.36 -5.16
N LEU A 78 -4.49 -18.17 -6.19
CA LEU A 78 -5.42 -19.21 -6.61
C LEU A 78 -4.69 -20.45 -7.08
N LEU A 79 -3.61 -20.26 -7.85
CA LEU A 79 -2.80 -21.39 -8.29
C LEU A 79 -2.18 -22.11 -7.10
N CYS A 80 -1.82 -21.36 -6.06
CA CYS A 80 -1.30 -21.99 -4.84
C CYS A 80 -2.36 -22.83 -4.15
N CYS A 81 -3.57 -22.28 -4.01
CA CYS A 81 -4.63 -23.01 -3.31
C CYS A 81 -5.19 -24.16 -4.14
N LEU A 82 -4.93 -24.17 -5.45
CA LEU A 82 -5.43 -25.24 -6.31
C LEU A 82 -4.65 -26.54 -6.12
N SER A 83 -3.46 -26.46 -5.53
CA SER A 83 -2.61 -27.66 -5.34
C SER A 83 -2.59 -28.09 -3.86
N LEU A 84 -3.58 -27.65 -3.08
CA LEU A 84 -3.66 -27.97 -1.66
C LEU A 84 -4.12 -29.41 -1.44
N PRO A 85 -5.19 -29.91 -2.13
CA PRO A 85 -5.70 -31.27 -1.84
C PRO A 85 -4.62 -32.34 -1.74
N PHE A 86 -3.66 -32.32 -2.66
CA PHE A 86 -2.63 -33.37 -2.68
C PHE A 86 -1.80 -33.36 -1.41
N SER A 87 -1.48 -32.18 -0.89
CA SER A 87 -0.74 -32.12 0.37
C SER A 87 -1.53 -32.74 1.50
N LEU A 88 -2.84 -32.47 1.56
CA LEU A 88 -3.68 -33.08 2.58
C LEU A 88 -3.73 -34.60 2.41
N ALA A 89 -3.80 -35.07 1.17
CA ALA A 89 -3.83 -36.51 0.92
C ALA A 89 -2.54 -37.17 1.39
N HIS A 90 -1.40 -36.51 1.14
CA HIS A 90 -0.14 -37.04 1.63
C HIS A 90 -0.09 -37.04 3.14
N LEU A 91 -0.61 -35.98 3.78
CA LEU A 91 -0.52 -35.86 5.23
C LEU A 91 -1.49 -36.79 5.94
N ALA A 92 -2.54 -37.26 5.27
CA ALA A 92 -3.47 -38.18 5.90
C ALA A 92 -2.99 -39.63 5.86
N LEU A 93 -2.13 -39.98 4.92
CA LEU A 93 -1.63 -41.34 4.74
C LEU A 93 -0.12 -41.38 4.91
N GLN A 94 0.39 -40.67 5.92
CA GLN A 94 1.83 -40.59 6.19
C GLN A 94 2.61 -40.12 4.96
N TRP A 97 3.28 -41.35 0.03
CA TRP A 97 2.47 -41.46 -1.17
C TRP A 97 2.86 -42.70 -1.97
N PRO A 98 2.04 -43.75 -1.89
CA PRO A 98 2.30 -44.99 -2.63
C PRO A 98 1.74 -44.99 -4.05
N TYR A 99 1.93 -43.87 -4.76
CA TYR A 99 1.48 -43.78 -6.15
C TYR A 99 2.36 -42.75 -6.87
N GLY A 100 3.37 -43.22 -7.58
CA GLY A 100 4.17 -42.34 -8.42
C GLY A 100 5.18 -41.51 -7.67
N ARG A 101 6.36 -41.33 -8.29
CA ARG A 101 7.38 -40.43 -7.78
C ARG A 101 7.19 -39.00 -8.27
N PHE A 102 6.41 -38.81 -9.34
CA PHE A 102 6.28 -37.51 -9.97
C PHE A 102 5.66 -36.49 -9.01
N LEU A 103 4.65 -36.91 -8.25
CA LEU A 103 3.94 -35.96 -7.40
C LEU A 103 4.82 -35.43 -6.27
N CYS A 104 5.64 -36.30 -5.67
CA CYS A 104 6.57 -35.87 -4.63
C CYS A 104 7.56 -34.82 -5.12
N LYS A 105 7.87 -34.79 -6.41
CA LYS A 105 8.78 -33.80 -6.95
C LYS A 105 8.08 -32.58 -7.52
N LEU A 106 6.81 -32.69 -7.90
CA LEU A 106 6.11 -31.54 -8.44
C LEU A 106 5.43 -30.71 -7.36
N ILE A 107 4.64 -31.34 -6.48
CA ILE A 107 3.79 -30.58 -5.56
C ILE A 107 4.59 -29.62 -4.68
N PRO A 108 5.73 -29.99 -4.09
CA PRO A 108 6.48 -29.01 -3.31
C PRO A 108 7.00 -27.84 -4.12
N SER A 109 7.06 -27.96 -5.45
CA SER A 109 7.57 -26.85 -6.25
C SER A 109 6.56 -25.72 -6.39
N ILE A 110 5.26 -26.05 -6.44
CA ILE A 110 4.25 -25.03 -6.71
C ILE A 110 4.17 -24.04 -5.56
N ILE A 111 4.33 -24.50 -4.32
CA ILE A 111 4.27 -23.60 -3.17
C ILE A 111 5.43 -22.60 -3.20
N VAL A 112 6.63 -23.07 -3.52
CA VAL A 112 7.79 -22.18 -3.60
C VAL A 112 7.63 -21.19 -4.75
N LEU A 113 7.08 -21.65 -5.88
CA LEU A 113 6.79 -20.73 -6.97
C LEU A 113 5.81 -19.66 -6.54
N ASN A 114 4.77 -20.06 -5.79
CA ASN A 114 3.82 -19.10 -5.26
C ASN A 114 4.49 -18.07 -4.37
N MET A 115 5.37 -18.51 -3.48
CA MET A 115 6.06 -17.59 -2.58
C MET A 115 6.89 -16.58 -3.36
N PHE A 116 7.66 -17.07 -4.34
CA PHE A 116 8.54 -16.18 -5.11
C PHE A 116 7.74 -15.17 -5.92
N ALA A 117 6.70 -15.64 -6.62
CA ALA A 117 5.90 -14.74 -7.42
C ALA A 117 5.21 -13.69 -6.54
N SER A 118 4.67 -14.10 -5.40
CA SER A 118 4.01 -13.13 -4.52
C SER A 118 4.99 -12.10 -4.00
N VAL A 119 6.18 -12.52 -3.56
CA VAL A 119 7.15 -11.56 -3.04
C VAL A 119 7.55 -10.56 -4.11
N PHE A 120 7.84 -11.05 -5.32
CA PHE A 120 8.29 -10.14 -6.37
C PHE A 120 7.18 -9.18 -6.77
N LEU A 121 5.93 -9.65 -6.86
CA LEU A 121 4.84 -8.75 -7.21
C LEU A 121 4.61 -7.72 -6.12
N LEU A 122 4.74 -8.11 -4.85
CA LEU A 122 4.56 -7.14 -3.77
C LEU A 122 5.65 -6.07 -3.79
N THR A 123 6.90 -6.46 -4.04
CA THR A 123 7.96 -5.45 -4.10
C THR A 123 7.80 -4.56 -5.32
N ALA A 124 7.32 -5.09 -6.44
CA ALA A 124 7.04 -4.24 -7.60
C ALA A 124 5.93 -3.24 -7.31
N ILE A 125 4.88 -3.69 -6.62
CA ILE A 125 3.79 -2.79 -6.24
C ILE A 125 4.31 -1.66 -5.37
N SER A 126 5.11 -2.03 -4.36
CA SER A 126 5.68 -1.01 -3.44
C SER A 126 6.53 -0.02 -4.24
N LEU A 127 7.43 -0.52 -5.07
CA LEU A 127 8.31 0.35 -5.84
C LEU A 127 7.52 1.31 -6.71
N ASP A 128 6.50 0.81 -7.40
CA ASP A 128 5.70 1.67 -8.24
C ASP A 128 4.97 2.73 -7.43
N ARG A 129 4.41 2.34 -6.28
CA ARG A 129 3.69 3.30 -5.45
C ARG A 129 4.62 4.38 -4.92
N CYS A 130 5.85 4.01 -4.58
CA CYS A 130 6.82 5.00 -4.11
C CYS A 130 7.40 5.85 -5.24
N LEU A 131 7.35 5.36 -6.47
CA LEU A 131 7.90 6.10 -7.60
C LEU A 131 6.87 6.99 -8.28
N VAL A 132 5.58 6.78 -8.01
CA VAL A 132 4.55 7.66 -8.56
C VAL A 132 4.77 9.10 -8.12
N VAL A 133 5.20 9.30 -6.87
CA VAL A 133 5.37 10.64 -6.32
C VAL A 133 6.73 11.22 -6.69
N PHE A 134 7.45 10.54 -7.57
CA PHE A 134 8.75 11.01 -8.03
C PHE A 134 8.57 12.02 -9.17
N LYS A 135 9.66 12.33 -9.87
CA LYS A 135 9.62 13.31 -10.93
C LYS A 135 8.74 12.84 -12.08
N PRO A 136 8.19 13.76 -12.87
CA PRO A 136 7.35 13.36 -14.00
C PRO A 136 8.08 12.59 -15.08
N ILE A 137 9.41 12.51 -15.03
CA ILE A 137 10.18 11.81 -16.06
C ILE A 137 9.73 10.35 -16.13
N TRP A 138 9.63 9.69 -14.98
CA TRP A 138 9.16 8.31 -14.92
C TRP A 138 7.64 8.20 -14.86
N CYS A 139 6.93 9.30 -14.56
CA CYS A 139 5.48 9.27 -14.56
C CYS A 139 4.91 9.31 -15.97
N GLN A 140 5.58 9.99 -16.89
CA GLN A 140 5.11 10.11 -18.27
C GLN A 140 5.89 9.26 -19.25
N ASN A 141 6.96 8.60 -18.82
CA ASN A 141 7.86 7.93 -19.75
C ASN A 141 7.17 6.80 -20.51
N HIS A 142 6.76 5.74 -19.80
CA HIS A 142 6.15 4.59 -20.43
C HIS A 142 5.03 4.02 -19.57
N ARG A 143 4.20 4.91 -18.99
CA ARG A 143 3.08 4.46 -18.17
C ARG A 143 2.01 3.89 -19.10
N ASN A 144 2.24 2.66 -19.53
CA ASN A 144 1.35 1.96 -20.45
C ASN A 144 1.15 0.54 -19.96
N VAL A 145 0.00 -0.05 -20.33
CA VAL A 145 -0.34 -1.39 -19.86
C VAL A 145 0.66 -2.43 -20.38
N GLY A 146 1.18 -2.23 -21.59
CA GLY A 146 2.14 -3.17 -22.13
C GLY A 146 3.37 -3.32 -21.27
N MET A 147 3.83 -2.21 -20.69
CA MET A 147 4.99 -2.27 -19.80
C MET A 147 4.68 -3.11 -18.56
N ALA A 148 3.48 -2.96 -18.00
CA ALA A 148 3.09 -3.77 -16.85
C ALA A 148 3.03 -5.24 -17.22
N CYS A 149 2.47 -5.56 -18.39
CA CYS A 149 2.41 -6.95 -18.82
C CYS A 149 3.81 -7.54 -19.00
N SER A 150 4.71 -6.77 -19.61
CA SER A 150 6.08 -7.25 -19.80
C SER A 150 6.79 -7.48 -18.47
N ILE A 151 6.61 -6.55 -17.52
CA ILE A 151 7.28 -6.69 -16.23
C ILE A 151 6.71 -7.88 -15.46
N CYS A 152 5.40 -8.13 -15.59
CA CYS A 152 4.83 -9.32 -14.96
C CYS A 152 5.38 -10.58 -15.60
N GLY A 153 5.54 -10.59 -16.92
CA GLY A 153 6.16 -11.74 -17.56
C GLY A 153 7.56 -12.00 -17.06
N CYS A 154 8.36 -10.94 -16.89
CA CYS A 154 9.70 -11.10 -16.36
C CYS A 154 9.67 -11.63 -14.93
N ILE A 155 8.73 -11.13 -14.12
CA ILE A 155 8.60 -11.59 -12.74
C ILE A 155 8.31 -13.10 -12.71
N TRP A 156 7.36 -13.54 -13.53
CA TRP A 156 7.03 -14.96 -13.55
C TRP A 156 8.21 -15.80 -14.04
N VAL A 157 8.94 -15.30 -15.03
CA VAL A 157 10.08 -16.04 -15.54
C VAL A 157 11.13 -16.22 -14.46
N VAL A 158 11.46 -15.13 -13.74
CA VAL A 158 12.46 -15.23 -12.67
C VAL A 158 11.99 -16.20 -11.60
N ALA A 159 10.70 -16.14 -11.25
CA ALA A 159 10.17 -17.06 -10.25
C ALA A 159 10.35 -18.51 -10.67
N PHE A 160 10.06 -18.81 -11.94
CA PHE A 160 10.22 -20.18 -12.43
C PHE A 160 11.68 -20.63 -12.41
N VAL A 161 12.60 -19.76 -12.85
CA VAL A 161 14.00 -20.15 -12.87
C VAL A 161 14.51 -20.42 -11.46
N MET A 162 14.02 -19.62 -10.51
CA MET A 162 14.42 -19.78 -9.09
C MET A 162 13.76 -21.05 -8.52
N CYS A 163 12.62 -21.46 -9.09
CA CYS A 163 11.90 -22.63 -8.59
C CYS A 163 12.51 -23.95 -9.04
N ILE A 164 13.08 -24.00 -10.24
CA ILE A 164 13.52 -25.26 -10.84
C ILE A 164 14.46 -26.05 -9.93
N PRO A 165 15.45 -25.43 -9.24
CA PRO A 165 16.28 -26.16 -8.30
C PRO A 165 15.48 -27.07 -7.37
N VAL A 166 14.37 -26.57 -6.81
CA VAL A 166 13.64 -27.39 -5.84
C VAL A 166 13.19 -28.71 -6.47
N PHE A 167 12.70 -28.64 -7.71
CA PHE A 167 12.34 -29.86 -8.42
C PHE A 167 13.55 -30.75 -8.65
N VAL A 168 14.68 -30.16 -9.01
CA VAL A 168 15.85 -30.97 -9.36
C VAL A 168 16.39 -31.71 -8.13
N TYR A 169 16.50 -31.01 -6.99
CA TYR A 169 17.09 -31.59 -5.78
C TYR A 169 15.99 -32.13 -4.86
N ARG A 170 15.38 -33.22 -5.30
CA ARG A 170 14.36 -33.90 -4.50
C ARG A 170 14.18 -35.31 -5.05
N GLU A 171 14.20 -36.29 -4.14
CA GLU A 171 14.14 -37.68 -4.56
C GLU A 171 13.56 -38.51 -3.43
N ILE A 172 12.97 -39.65 -3.79
CA ILE A 172 12.38 -40.57 -2.83
C ILE A 172 13.44 -41.57 -2.40
N PHE A 173 13.64 -41.70 -1.09
CA PHE A 173 14.65 -42.60 -0.55
C PHE A 173 14.10 -44.02 -0.43
N ASN A 179 8.62 -44.47 1.72
CA ASN A 179 8.50 -43.27 0.90
C ASN A 179 8.79 -41.98 1.63
N ARG A 180 10.07 -41.69 1.90
CA ARG A 180 10.45 -40.48 2.58
C ARG A 180 10.73 -39.39 1.55
N CYS A 181 10.00 -38.29 1.65
CA CYS A 181 10.06 -37.20 0.68
C CYS A 181 10.85 -36.05 1.29
N GLY A 182 12.16 -36.08 1.07
CA GLY A 182 13.02 -35.00 1.50
C GLY A 182 14.33 -35.05 0.74
N TYR A 183 15.16 -34.04 1.00
CA TYR A 183 16.50 -33.98 0.42
C TYR A 183 17.30 -35.22 0.78
N THR A 340 27.04 -30.40 1.54
CA THR A 340 25.82 -30.78 0.84
C THR A 340 25.08 -29.54 0.34
N PRO A 341 24.30 -29.70 -0.75
CA PRO A 341 23.54 -28.55 -1.26
C PRO A 341 22.47 -28.04 -0.31
N LEU A 342 22.12 -28.81 0.72
CA LEU A 342 21.12 -28.34 1.67
C LEU A 342 21.58 -27.07 2.39
N VAL A 343 22.85 -27.02 2.77
CA VAL A 343 23.36 -25.85 3.49
C VAL A 343 23.34 -24.61 2.61
N ALA A 344 23.37 -24.78 1.28
CA ALA A 344 23.42 -23.65 0.37
C ALA A 344 22.04 -23.20 -0.11
N ILE A 345 21.15 -24.16 -0.38
CA ILE A 345 19.84 -23.82 -0.96
C ILE A 345 19.03 -22.97 0.01
N THR A 346 19.02 -23.37 1.29
CA THR A 346 18.25 -22.64 2.28
C THR A 346 18.76 -21.22 2.45
N ILE A 347 20.09 -21.06 2.46
CA ILE A 347 20.67 -19.71 2.61
C ILE A 347 20.33 -18.86 1.40
N THR A 348 20.42 -19.44 0.19
CA THR A 348 20.08 -18.69 -1.01
C THR A 348 18.63 -18.25 -0.99
N ARG A 349 17.72 -19.14 -0.62
CA ARG A 349 16.31 -18.78 -0.55
C ARG A 349 16.05 -17.70 0.49
N LEU A 350 16.66 -17.84 1.68
CA LEU A 350 16.48 -16.82 2.71
C LEU A 350 17.00 -15.47 2.27
N VAL A 351 18.12 -15.46 1.54
CA VAL A 351 18.70 -14.19 1.12
C VAL A 351 17.85 -13.54 0.04
N VAL A 352 17.35 -14.31 -0.92
CA VAL A 352 16.71 -13.71 -2.08
C VAL A 352 15.22 -13.45 -1.83
N GLY A 353 14.49 -14.46 -1.35
CA GLY A 353 13.05 -14.31 -1.24
C GLY A 353 12.52 -13.65 0.01
N PHE A 354 13.37 -13.34 1.00
CA PHE A 354 12.85 -12.79 2.23
C PHE A 354 13.61 -11.58 2.75
N LEU A 355 14.89 -11.44 2.38
CA LEU A 355 15.72 -10.40 2.97
C LEU A 355 15.76 -9.14 2.11
N LEU A 356 16.17 -9.26 0.85
CA LEU A 356 16.29 -8.09 -0.01
C LEU A 356 14.95 -7.40 -0.27
N PRO A 357 13.89 -8.09 -0.70
CA PRO A 357 12.61 -7.40 -0.90
C PRO A 357 12.06 -6.78 0.37
N SER A 358 12.30 -7.40 1.52
CA SER A 358 11.85 -6.80 2.77
C SER A 358 12.51 -5.45 2.99
N VAL A 359 13.82 -5.36 2.75
CA VAL A 359 14.52 -4.08 2.90
C VAL A 359 13.99 -3.06 1.90
N ILE A 360 13.77 -3.49 0.65
CA ILE A 360 13.29 -2.55 -0.36
C ILE A 360 11.92 -1.99 0.02
N MET A 361 10.99 -2.85 0.43
CA MET A 361 9.67 -2.38 0.82
C MET A 361 9.73 -1.48 2.06
N ILE A 362 10.55 -1.85 3.04
CA ILE A 362 10.63 -1.05 4.27
C ILE A 362 11.16 0.34 3.95
N ALA A 363 12.22 0.42 3.14
CA ALA A 363 12.76 1.72 2.76
C ALA A 363 11.75 2.54 1.97
N CYS A 364 11.07 1.92 1.00
CA CYS A 364 10.11 2.67 0.18
C CYS A 364 8.97 3.20 1.02
N TYR A 365 8.42 2.39 1.93
CA TYR A 365 7.29 2.86 2.72
C TYR A 365 7.74 3.87 3.79
N SER A 366 8.96 3.75 4.30
CA SER A 366 9.46 4.78 5.20
C SER A 366 9.60 6.11 4.48
N PHE A 367 10.11 6.10 3.25
CA PHE A 367 10.18 7.33 2.48
C PHE A 367 8.79 7.89 2.23
N ILE A 368 7.83 7.03 1.89
CA ILE A 368 6.47 7.50 1.61
C ILE A 368 5.87 8.16 2.84
N VAL A 369 6.03 7.54 4.01
CA VAL A 369 5.42 8.11 5.21
C VAL A 369 6.12 9.40 5.62
N PHE A 370 7.45 9.48 5.44
CA PHE A 370 8.16 10.72 5.76
C PHE A 370 7.72 11.86 4.85
N ARG A 371 7.51 11.56 3.57
CA ARG A 371 7.03 12.59 2.65
C ARG A 371 5.57 12.96 2.94
N MET A 372 4.77 11.99 3.35
CA MET A 372 3.35 12.26 3.62
C MET A 372 3.17 13.09 4.88
N GLN A 373 3.99 12.87 5.90
CA GLN A 373 3.88 13.65 7.12
C GLN A 373 4.25 15.12 6.91
N ARG A 374 4.95 15.41 5.82
CA ARG A 374 5.39 16.81 5.55
C ARG A 374 4.20 17.61 5.02
N ALA A 375 3.53 17.11 4.00
CA ALA A 375 2.39 17.83 3.38
C ALA A 375 1.40 18.23 4.48
N ARG A 376 1.17 17.35 5.47
CA ARG A 376 0.15 17.64 6.51
C ARG A 376 0.44 19.01 7.14
N ARG A 377 1.67 19.23 7.60
CA ARG A 377 2.00 20.51 8.30
C ARG A 377 1.58 21.71 7.44
N GLN A 378 1.95 21.70 6.15
CA GLN A 378 1.66 22.83 5.27
C GLN A 378 0.15 23.07 5.18
N LEU A 379 -0.62 21.99 5.03
CA LEU A 379 -2.09 22.11 4.97
C LEU A 379 -2.58 22.69 6.31
N ALA A 380 -2.03 22.22 7.42
CA ALA A 380 -2.45 22.71 8.75
C ALA A 380 -2.21 24.22 8.83
N ASP A 381 -1.02 24.67 8.40
CA ASP A 381 -0.69 26.09 8.46
C ASP A 381 -1.62 26.91 7.58
N LEU A 382 -1.90 26.42 6.37
CA LEU A 382 -2.80 27.15 5.47
C LEU A 382 -4.20 27.23 6.07
N GLU A 383 -4.65 26.14 6.71
CA GLU A 383 -5.95 26.18 7.39
C GLU A 383 -5.97 27.19 8.51
N ASP A 384 -4.87 27.28 9.27
CA ASP A 384 -4.80 28.28 10.34
C ASP A 384 -4.90 29.69 9.78
N ASN A 385 -4.17 29.96 8.69
CA ASN A 385 -4.22 31.29 8.07
C ASN A 385 -5.62 31.61 7.57
N TRP A 386 -6.27 30.64 6.92
CA TRP A 386 -7.65 30.84 6.48
C TRP A 386 -8.55 31.13 7.67
N GLU A 387 -8.36 30.41 8.78
CA GLU A 387 -9.22 30.57 9.94
C GLU A 387 -9.08 31.97 10.53
N THR A 388 -7.84 32.45 10.70
CA THR A 388 -7.65 33.77 11.29
C THR A 388 -8.17 34.87 10.36
N LEU A 389 -7.93 34.74 9.05
CA LEU A 389 -8.53 35.66 8.11
C LEU A 389 -10.04 35.70 8.28
N ASN A 390 -10.66 34.53 8.42
CA ASN A 390 -12.11 34.46 8.48
C ASN A 390 -12.66 35.14 9.72
N ASP A 391 -12.12 34.83 10.91
CA ASP A 391 -12.77 35.41 12.10
C ASP A 391 -12.42 36.89 12.22
N ASN A 392 -11.26 37.31 11.71
CA ASN A 392 -10.97 38.74 11.69
C ASN A 392 -11.95 39.48 10.78
N LEU A 393 -12.24 38.91 9.61
CA LEU A 393 -13.23 39.52 8.73
C LEU A 393 -14.61 39.50 9.36
N LYS A 394 -14.88 38.53 10.22
CA LYS A 394 -16.17 38.51 10.92
C LYS A 394 -16.26 39.59 11.99
N VAL A 395 -15.22 39.75 12.80
CA VAL A 395 -15.27 40.74 13.88
C VAL A 395 -15.30 42.15 13.30
N ILE A 396 -14.57 42.38 12.20
CA ILE A 396 -14.45 43.74 11.68
C ILE A 396 -15.81 44.32 11.28
N GLU A 397 -16.77 43.45 10.92
CA GLU A 397 -18.08 43.93 10.52
C GLU A 397 -18.84 44.55 11.70
N LYS A 398 -18.75 43.94 12.87
CA LYS A 398 -19.48 44.40 14.04
C LYS A 398 -18.69 45.39 14.90
N ALA A 399 -17.51 45.81 14.43
CA ALA A 399 -16.62 46.64 15.23
C ALA A 399 -16.86 48.11 14.92
N ASP A 400 -17.10 48.89 15.96
CA ASP A 400 -17.20 50.34 15.85
C ASP A 400 -15.86 51.01 16.20
N ASN A 401 -15.78 52.32 15.93
CA ASN A 401 -14.54 53.11 16.05
C ASN A 401 -13.48 52.63 15.08
N ALA A 402 -12.54 53.51 14.73
CA ALA A 402 -11.56 53.25 13.69
C ALA A 402 -10.30 52.57 14.21
N ALA A 403 -10.20 52.31 15.52
CA ALA A 403 -9.00 51.67 16.04
C ALA A 403 -9.06 50.16 15.92
N GLN A 404 -10.18 49.56 16.32
CA GLN A 404 -10.35 48.13 16.16
C GLN A 404 -10.34 47.72 14.69
N VAL A 405 -10.85 48.59 13.81
CA VAL A 405 -10.81 48.30 12.38
C VAL A 405 -9.37 48.20 11.90
N LYS A 406 -8.53 49.16 12.30
CA LYS A 406 -7.12 49.11 11.91
C LYS A 406 -6.43 47.88 12.48
N ASP A 407 -6.73 47.53 13.74
CA ASP A 407 -6.11 46.35 14.33
C ASP A 407 -6.50 45.07 13.58
N ALA A 408 -7.79 44.92 13.30
CA ALA A 408 -8.25 43.75 12.57
C ALA A 408 -7.66 43.70 11.17
N LEU A 409 -7.57 44.85 10.50
CA LEU A 409 -6.98 44.87 9.17
C LEU A 409 -5.49 44.54 9.21
N THR A 410 -4.79 44.97 10.26
CA THR A 410 -3.39 44.59 10.40
C THR A 410 -3.23 43.09 10.54
N LYS A 411 -4.05 42.48 11.40
CA LYS A 411 -3.98 41.02 11.56
C LYS A 411 -4.32 40.31 10.26
N MET A 412 -5.35 40.78 9.55
CA MET A 412 -5.73 40.18 8.28
C MET A 412 -4.60 40.30 7.27
N ARG A 413 -3.93 41.45 7.21
CA ARG A 413 -2.84 41.64 6.26
C ARG A 413 -1.69 40.69 6.56
N ALA A 414 -1.33 40.55 7.83
CA ALA A 414 -0.26 39.62 8.20
C ALA A 414 -0.64 38.20 7.81
N ALA A 415 -1.88 37.79 8.09
CA ALA A 415 -2.32 36.45 7.76
C ALA A 415 -2.30 36.21 6.26
N ALA A 416 -2.76 37.20 5.48
CA ALA A 416 -2.79 37.05 4.03
C ALA A 416 -1.38 36.93 3.46
N LEU A 417 -0.45 37.75 3.94
CA LEU A 417 0.93 37.63 3.48
C LEU A 417 1.49 36.25 3.81
N ASP A 418 1.28 35.78 5.04
CA ASP A 418 1.81 34.48 5.43
C ASP A 418 1.20 33.37 4.59
N ALA A 419 -0.10 33.43 4.31
CA ALA A 419 -0.75 32.41 3.50
C ALA A 419 -0.22 32.43 2.08
N GLN A 420 -0.02 33.62 1.51
CA GLN A 420 0.53 33.70 0.16
C GLN A 420 1.94 33.13 0.09
N LYS A 421 2.73 33.30 1.16
CA LYS A 421 4.07 32.71 1.17
C LYS A 421 4.01 31.20 1.11
N ALA A 422 2.98 30.59 1.69
CA ALA A 422 2.87 29.14 1.70
C ALA A 422 2.65 28.59 0.30
N THR A 423 3.31 27.48 -0.01
CA THR A 423 3.18 26.84 -1.32
C THR A 423 3.63 25.38 -1.26
N SER A 434 3.44 26.52 -12.11
CA SER A 434 2.10 25.94 -12.37
C SER A 434 1.10 27.07 -12.63
N PRO A 435 0.12 26.90 -13.57
CA PRO A 435 -0.93 27.92 -13.84
C PRO A 435 -1.74 28.18 -12.58
N GLU A 436 -2.17 27.12 -11.91
CA GLU A 436 -2.95 27.26 -10.65
C GLU A 436 -2.11 28.03 -9.62
N MET A 437 -0.81 27.74 -9.56
CA MET A 437 0.09 28.47 -8.63
C MET A 437 0.05 29.96 -8.99
N LYS A 438 0.29 30.31 -10.26
CA LYS A 438 0.17 31.71 -10.65
C LYS A 438 -1.22 32.25 -10.34
N ASP A 439 -2.26 31.46 -10.58
CA ASP A 439 -3.62 31.90 -10.26
C ASP A 439 -3.77 32.14 -8.76
N PHE A 440 -3.22 31.23 -7.95
CA PHE A 440 -3.27 31.37 -6.50
C PHE A 440 -2.57 32.63 -6.03
N ARG A 441 -1.35 32.87 -6.54
CA ARG A 441 -0.61 34.06 -6.14
C ARG A 441 -1.31 35.33 -6.61
N HIS A 442 -1.89 35.32 -7.81
CA HIS A 442 -2.62 36.49 -8.29
C HIS A 442 -3.84 36.78 -7.43
N GLY A 443 -4.56 35.74 -7.01
CA GLY A 443 -5.68 35.95 -6.13
C GLY A 443 -5.27 36.56 -4.81
N PHE A 444 -4.17 36.08 -4.22
CA PHE A 444 -3.73 36.68 -2.97
C PHE A 444 -3.22 38.11 -3.17
N ASP A 445 -2.61 38.41 -4.32
CA ASP A 445 -2.20 39.78 -4.59
C ASP A 445 -3.42 40.70 -4.66
N ILE A 446 -4.48 40.25 -5.31
CA ILE A 446 -5.72 41.04 -5.36
C ILE A 446 -6.28 41.25 -3.96
N LEU A 447 -6.27 40.19 -3.14
CA LEU A 447 -6.78 40.31 -1.78
C LEU A 447 -5.98 41.32 -0.96
N VAL A 448 -4.65 41.28 -1.08
CA VAL A 448 -3.82 42.22 -0.34
C VAL A 448 -4.05 43.64 -0.84
N GLY A 449 -4.28 43.82 -2.14
CA GLY A 449 -4.62 45.14 -2.64
C GLY A 449 -5.91 45.67 -2.03
N GLN A 450 -6.93 44.81 -1.93
CA GLN A 450 -8.18 45.25 -1.30
C GLN A 450 -7.98 45.57 0.17
N ILE A 451 -7.14 44.80 0.86
CA ILE A 451 -6.84 45.09 2.27
C ILE A 451 -6.17 46.45 2.40
N ASP A 452 -5.23 46.76 1.50
CA ASP A 452 -4.59 48.07 1.53
C ASP A 452 -5.59 49.18 1.28
N ASP A 453 -6.52 48.97 0.34
CA ASP A 453 -7.54 49.98 0.09
C ASP A 453 -8.37 50.23 1.35
N ALA A 454 -8.78 49.16 2.02
CA ALA A 454 -9.57 49.31 3.24
C ALA A 454 -8.77 50.02 4.34
N LEU A 455 -7.49 49.67 4.49
CA LEU A 455 -6.66 50.30 5.52
C LEU A 455 -6.50 51.78 5.26
N LYS A 456 -6.24 52.16 4.01
CA LYS A 456 -6.10 53.57 3.67
C LYS A 456 -7.41 54.32 3.85
N LEU A 457 -8.54 53.68 3.56
CA LEU A 457 -9.83 54.32 3.79
C LEU A 457 -10.09 54.53 5.28
N ALA A 458 -9.71 53.56 6.11
CA ALA A 458 -9.95 53.68 7.55
C ALA A 458 -8.99 54.65 8.21
N ASN A 459 -7.79 54.82 7.65
CA ASN A 459 -6.80 55.72 8.26
C ASN A 459 -7.31 57.15 8.30
N GLU A 460 -8.11 57.55 7.31
CA GLU A 460 -8.60 58.91 7.21
C GLU A 460 -9.88 59.13 7.99
N GLY A 461 -10.16 58.29 8.99
CA GLY A 461 -11.32 58.49 9.84
C GLY A 461 -12.66 58.28 9.17
N LYS A 462 -12.78 57.26 8.31
CA LYS A 462 -14.06 56.87 7.73
C LYS A 462 -14.31 55.40 8.07
N VAL A 463 -15.49 55.12 8.61
CA VAL A 463 -15.82 53.79 9.11
C VAL A 463 -16.68 53.00 8.14
N LYS A 464 -17.80 53.58 7.70
CA LYS A 464 -18.74 52.82 6.88
C LYS A 464 -18.12 52.42 5.56
N GLU A 465 -17.36 53.32 4.94
CA GLU A 465 -16.68 52.98 3.69
C GLU A 465 -15.66 51.86 3.93
N ALA A 466 -14.98 51.90 5.07
CA ALA A 466 -14.09 50.80 5.43
C ALA A 466 -14.85 49.50 5.59
N GLN A 467 -16.06 49.57 6.15
CA GLN A 467 -16.88 48.38 6.29
C GLN A 467 -17.26 47.79 4.94
N ALA A 468 -17.64 48.66 3.98
CA ALA A 468 -17.96 48.18 2.65
C ALA A 468 -16.74 47.58 1.95
N ALA A 469 -15.58 48.24 2.07
CA ALA A 469 -14.36 47.71 1.49
C ALA A 469 -14.02 46.35 2.07
N ALA A 470 -14.22 46.19 3.38
CA ALA A 470 -13.98 44.90 4.01
C ALA A 470 -14.96 43.84 3.53
N GLU A 471 -16.23 44.18 3.37
CA GLU A 471 -17.20 43.22 2.87
C GLU A 471 -16.87 42.81 1.44
N GLN A 472 -16.22 43.69 0.69
CA GLN A 472 -15.86 43.37 -0.70
C GLN A 472 -14.91 42.19 -0.84
N LEU A 473 -14.18 41.81 0.20
CA LEU A 473 -13.19 40.74 0.03
C LEU A 473 -13.81 39.37 -0.10
N LYS A 474 -15.06 39.20 0.34
CA LYS A 474 -15.69 37.88 0.34
C LYS A 474 -15.82 37.32 -1.08
N THR A 475 -16.21 38.17 -2.03
CA THR A 475 -16.40 37.71 -3.40
C THR A 475 -15.09 37.20 -3.99
N THR A 476 -14.02 37.98 -3.86
CA THR A 476 -12.72 37.54 -4.38
C THR A 476 -12.24 36.28 -3.68
N ARG A 477 -12.42 36.22 -2.36
CA ARG A 477 -12.00 35.03 -1.61
C ARG A 477 -12.69 33.78 -2.14
N ASN A 478 -14.02 33.82 -2.25
CA ASN A 478 -14.77 32.66 -2.70
C ASN A 478 -14.44 32.33 -4.15
N ALA A 479 -14.26 33.34 -5.00
CA ALA A 479 -14.02 33.07 -6.40
C ALA A 479 -12.62 32.52 -6.66
N TYR A 480 -11.66 32.80 -5.77
CA TYR A 480 -10.28 32.44 -6.05
C TYR A 480 -9.76 31.27 -5.22
N ILE A 481 -9.84 31.34 -3.89
CA ILE A 481 -9.09 30.38 -3.08
C ILE A 481 -9.92 29.18 -2.63
N GLN A 482 -11.24 29.25 -2.72
CA GLN A 482 -12.07 28.14 -2.27
C GLN A 482 -11.81 26.88 -3.08
N LYS A 483 -11.66 27.02 -4.40
CA LYS A 483 -11.42 25.85 -5.25
C LYS A 483 -10.09 25.19 -4.91
N TYR A 484 -9.05 25.99 -4.68
CA TYR A 484 -7.75 25.41 -4.30
C TYR A 484 -7.83 24.72 -2.95
N LEU A 485 -8.56 25.31 -2.00
CA LEU A 485 -8.72 24.65 -0.70
C LEU A 485 -9.45 23.32 -0.84
N GLU A 486 -10.51 23.28 -1.64
CA GLU A 486 -11.24 22.04 -1.84
C GLU A 486 -10.36 20.98 -2.50
N ARG A 487 -9.57 21.38 -3.51
CA ARG A 487 -8.67 20.43 -4.17
C ARG A 487 -7.65 19.89 -3.18
N ALA A 488 -7.07 20.77 -2.36
CA ALA A 488 -6.08 20.33 -1.39
C ALA A 488 -6.67 19.37 -0.37
N ARG A 489 -7.95 19.51 -0.05
CA ARG A 489 -8.55 18.47 0.84
C ARG A 489 -8.68 17.14 0.07
N SER A 490 -9.35 17.17 -1.08
CA SER A 490 -9.58 15.93 -1.87
C SER A 490 -8.26 15.28 -2.32
N THR A 491 -7.22 16.09 -2.58
CA THR A 491 -5.96 15.53 -3.10
C THR A 491 -5.14 14.93 -1.95
N LEU A 492 -5.81 14.42 -0.91
CA LEU A 492 -5.08 13.89 0.27
C LEU A 492 -5.62 12.50 0.64
N LYS A 493 -6.91 12.40 0.97
CA LYS A 493 -7.45 11.09 1.44
C LYS A 493 -7.14 10.01 0.41
N SER A 494 -7.33 10.31 -0.87
CA SER A 494 -7.05 9.33 -1.95
C SER A 494 -5.79 8.52 -1.61
N GLN A 495 -4.68 9.20 -1.32
CA GLN A 495 -3.40 8.50 -1.05
C GLN A 495 -3.57 7.53 0.12
N SER A 496 -4.17 7.99 1.22
CA SER A 496 -4.31 7.14 2.43
C SER A 496 -5.11 5.88 2.11
N LYS A 497 -6.22 6.01 1.38
CA LYS A 497 -7.10 4.85 1.08
C LYS A 497 -6.30 3.81 0.29
N THR A 498 -5.03 4.11 -0.01
CA THR A 498 -4.24 3.19 -0.83
C THR A 498 -2.97 2.76 -0.11
N PHE A 499 -2.31 3.71 0.57
CA PHE A 499 -1.10 3.39 1.32
C PHE A 499 -1.39 2.37 2.42
N ARG A 500 -2.50 2.54 3.13
CA ARG A 500 -2.86 1.58 4.16
C ARG A 500 -3.19 0.21 3.57
N VAL A 501 -3.90 0.19 2.43
CA VAL A 501 -4.25 -1.08 1.80
C VAL A 501 -3.00 -1.83 1.37
N ALA A 502 -1.99 -1.11 0.89
CA ALA A 502 -0.74 -1.80 0.53
C ALA A 502 0.03 -2.25 1.77
N VAL A 503 0.09 -1.40 2.80
CA VAL A 503 0.93 -1.72 3.96
C VAL A 503 0.38 -2.91 4.73
N VAL A 504 -0.95 -2.99 4.87
CA VAL A 504 -1.53 -4.12 5.58
C VAL A 504 -1.18 -5.42 4.87
N VAL A 505 -1.30 -5.43 3.54
CA VAL A 505 -1.01 -6.63 2.77
C VAL A 505 0.45 -7.04 2.95
N VAL A 506 1.37 -6.08 2.84
CA VAL A 506 2.79 -6.41 2.97
C VAL A 506 3.11 -6.95 4.35
N ALA A 507 2.62 -6.28 5.40
CA ALA A 507 2.92 -6.71 6.76
C ALA A 507 2.35 -8.08 7.05
N VAL A 508 1.11 -8.33 6.64
CA VAL A 508 0.50 -9.65 6.87
C VAL A 508 1.30 -10.72 6.15
N PHE A 509 1.75 -10.44 4.93
CA PHE A 509 2.54 -11.42 4.19
C PHE A 509 3.83 -11.77 4.93
N LEU A 510 4.57 -10.76 5.36
CA LEU A 510 5.83 -11.03 6.05
C LEU A 510 5.60 -11.77 7.37
N VAL A 511 4.56 -11.38 8.12
CA VAL A 511 4.28 -12.05 9.38
C VAL A 511 3.92 -13.50 9.16
N CYS A 512 3.15 -13.80 8.11
CA CYS A 512 2.77 -15.18 7.87
C CYS A 512 3.94 -16.01 7.35
N TRP A 513 4.91 -15.39 6.68
CA TRP A 513 5.99 -16.19 6.10
C TRP A 513 7.24 -16.28 6.98
N THR A 514 7.39 -15.45 8.01
CA THR A 514 8.63 -15.52 8.80
C THR A 514 8.87 -16.85 9.54
N PRO A 515 7.89 -17.55 10.14
CA PRO A 515 8.20 -18.78 10.87
C PRO A 515 8.90 -19.77 9.92
N TYR A 516 8.46 -19.82 8.66
CA TYR A 516 9.02 -20.75 7.70
C TYR A 516 10.54 -20.64 7.65
N HIS A 517 11.06 -19.42 7.49
CA HIS A 517 12.51 -19.26 7.40
C HIS A 517 13.19 -19.39 8.74
N ILE A 518 12.54 -18.96 9.84
CA ILE A 518 13.15 -19.15 11.15
C ILE A 518 13.40 -20.64 11.41
N PHE A 519 12.38 -21.46 11.16
CA PHE A 519 12.52 -22.90 11.35
C PHE A 519 13.47 -23.51 10.33
N GLY A 520 13.52 -22.96 9.12
CA GLY A 520 14.50 -23.44 8.16
C GLY A 520 15.93 -23.23 8.63
N VAL A 521 16.22 -22.05 9.14
CA VAL A 521 17.57 -21.77 9.67
C VAL A 521 17.86 -22.65 10.87
N LEU A 522 16.88 -22.80 11.77
CA LEU A 522 17.09 -23.60 12.98
C LEU A 522 17.35 -25.07 12.61
N SER A 523 16.66 -25.58 11.60
CA SER A 523 16.93 -26.93 11.13
C SER A 523 18.26 -27.02 10.40
N LEU A 524 18.71 -25.93 9.77
CA LEU A 524 19.99 -25.95 9.08
C LEU A 524 21.15 -26.03 10.06
N LEU A 525 21.12 -25.19 11.10
CA LEU A 525 22.25 -25.14 12.03
C LEU A 525 22.22 -26.31 13.01
N THR A 526 21.08 -26.54 13.66
CA THR A 526 20.99 -27.54 14.71
C THR A 526 21.16 -28.95 14.14
N ASP A 527 21.97 -29.75 14.81
CA ASP A 527 22.26 -31.10 14.35
C ASP A 527 21.06 -32.01 14.54
N PRO A 528 20.94 -33.06 13.71
CA PRO A 528 19.90 -34.06 13.94
C PRO A 528 20.31 -35.10 14.97
N GLU A 529 19.51 -36.15 15.12
CA GLU A 529 19.79 -37.23 16.08
C GLU A 529 19.83 -36.69 17.51
N THR A 530 18.96 -35.72 17.79
CA THR A 530 18.89 -35.06 19.08
C THR A 530 17.41 -34.96 19.44
N PRO A 531 17.06 -35.11 20.72
CA PRO A 531 15.66 -34.98 21.12
C PRO A 531 15.02 -33.65 20.71
N LEU A 532 15.81 -32.63 20.38
CA LEU A 532 15.24 -31.41 19.83
C LEU A 532 14.66 -31.64 18.45
N GLY A 533 15.38 -32.39 17.60
CA GLY A 533 14.89 -32.65 16.26
C GLY A 533 13.58 -33.41 16.22
N LYS A 534 13.35 -34.24 17.24
CA LYS A 534 12.14 -35.07 17.27
C LYS A 534 10.88 -34.21 17.25
N THR A 535 10.88 -33.10 18.01
CA THR A 535 9.78 -32.15 17.96
C THR A 535 9.95 -31.09 16.88
N LEU A 536 11.20 -30.84 16.44
CA LEU A 536 11.43 -29.88 15.37
C LEU A 536 10.73 -30.32 14.10
N MET A 537 10.87 -31.61 13.75
CA MET A 537 10.19 -32.14 12.58
C MET A 537 8.67 -32.06 12.74
N SER A 538 8.18 -32.26 13.96
CA SER A 538 6.73 -32.17 14.19
C SER A 538 6.22 -30.76 13.96
N TRP A 539 6.96 -29.74 14.42
CA TRP A 539 6.53 -28.36 14.26
C TRP A 539 6.76 -27.82 12.85
N ASP A 540 7.66 -28.44 12.08
CA ASP A 540 7.84 -28.00 10.70
C ASP A 540 6.54 -28.06 9.92
N HIS A 541 5.68 -29.04 10.22
CA HIS A 541 4.42 -29.17 9.51
C HIS A 541 3.50 -27.98 9.75
N VAL A 542 3.37 -27.54 11.00
CA VAL A 542 2.50 -26.40 11.26
C VAL A 542 3.10 -25.11 10.69
N CYS A 543 4.43 -24.97 10.73
CA CYS A 543 5.03 -23.80 10.11
C CYS A 543 4.72 -23.73 8.61
N ILE A 544 4.91 -24.85 7.90
CA ILE A 544 4.60 -24.87 6.47
C ILE A 544 3.10 -24.65 6.25
N ALA A 545 2.26 -25.18 7.13
CA ALA A 545 0.82 -25.02 6.98
C ALA A 545 0.41 -23.57 7.07
N LEU A 546 0.97 -22.82 8.03
CA LEU A 546 0.68 -21.39 8.11
C LEU A 546 1.20 -20.65 6.88
N ALA A 547 2.43 -20.96 6.46
CA ALA A 547 3.00 -20.30 5.31
C ALA A 547 2.13 -20.49 4.07
N SER A 548 1.57 -21.69 3.90
CA SER A 548 0.65 -21.94 2.79
C SER A 548 -0.74 -21.37 3.04
N ALA A 549 -1.13 -21.18 4.30
CA ALA A 549 -2.45 -20.67 4.63
C ALA A 549 -2.58 -19.18 4.39
N ASN A 550 -1.47 -18.47 4.30
CA ASN A 550 -1.50 -17.03 3.96
C ASN A 550 -2.45 -16.68 2.81
N SER A 551 -2.61 -17.59 1.85
CA SER A 551 -3.43 -17.32 0.67
C SER A 551 -4.91 -17.15 1.02
N CYS A 552 -5.37 -17.73 2.12
CA CYS A 552 -6.74 -17.50 2.56
C CYS A 552 -6.87 -16.13 3.21
N PHE A 553 -5.84 -15.66 3.90
CA PHE A 553 -5.90 -14.35 4.53
C PHE A 553 -5.93 -13.23 3.50
N ASN A 554 -5.19 -13.39 2.41
CA ASN A 554 -5.07 -12.27 1.46
C ASN A 554 -6.41 -11.71 0.95
N PRO A 555 -7.34 -12.50 0.40
CA PRO A 555 -8.51 -11.89 -0.25
C PRO A 555 -9.52 -11.28 0.70
N PHE A 556 -9.43 -11.51 2.01
CA PHE A 556 -10.39 -10.91 2.94
C PHE A 556 -10.05 -9.46 3.26
N LEU A 557 -8.76 -9.13 3.29
CA LEU A 557 -8.35 -7.76 3.62
C LEU A 557 -8.84 -6.77 2.59
N TYR A 558 -8.96 -7.19 1.33
CA TYR A 558 -9.44 -6.30 0.28
C TYR A 558 -10.87 -5.84 0.57
N ALA A 559 -11.73 -6.78 0.99
CA ALA A 559 -13.10 -6.41 1.32
C ALA A 559 -13.17 -5.66 2.65
N LEU A 560 -12.34 -6.05 3.62
CA LEU A 560 -12.41 -5.41 4.93
C LEU A 560 -11.97 -3.95 4.87
N LEU A 561 -10.92 -3.65 4.10
CA LEU A 561 -10.35 -2.31 4.05
C LEU A 561 -10.97 -1.43 2.97
N GLY A 562 -11.93 -1.95 2.20
CA GLY A 562 -12.56 -1.15 1.16
C GLY A 562 -14.04 -0.92 1.41
N SER A 572 -21.79 -3.12 -3.51
CA SER A 572 -21.82 -4.42 -4.24
C SER A 572 -20.41 -5.00 -4.31
N ILE A 573 -20.29 -6.30 -4.60
CA ILE A 573 -18.94 -6.93 -4.76
C ILE A 573 -18.07 -5.96 -5.57
N GLN A 574 -18.58 -5.51 -6.72
CA GLN A 574 -17.82 -4.56 -7.54
C GLN A 574 -17.56 -3.28 -6.76
N GLY A 575 -18.59 -2.72 -6.12
CA GLY A 575 -18.44 -1.44 -5.46
C GLY A 575 -17.36 -1.43 -4.41
N ILE A 576 -17.01 -2.59 -3.88
CA ILE A 576 -15.96 -2.71 -2.85
C ILE A 576 -14.63 -3.08 -3.47
N LEU A 577 -14.60 -4.08 -4.35
CA LEU A 577 -13.35 -4.53 -4.94
C LEU A 577 -12.72 -3.44 -5.82
N GLU A 578 -13.53 -2.81 -6.67
CA GLU A 578 -13.01 -1.78 -7.57
C GLU A 578 -12.55 -0.55 -6.78
N ALA A 579 -13.24 -0.22 -5.69
CA ALA A 579 -12.77 0.88 -4.84
C ALA A 579 -11.48 0.52 -4.12
N ALA A 580 -11.33 -0.75 -3.72
CA ALA A 580 -10.09 -1.18 -3.09
C ALA A 580 -8.93 -1.12 -4.08
N PHE A 581 -9.14 -1.60 -5.31
CA PHE A 581 -8.10 -1.62 -6.34
C PHE A 581 -8.01 -0.27 -7.07
N SER A 582 -7.64 0.76 -6.32
CA SER A 582 -7.46 2.10 -6.88
C SER A 582 -6.09 2.66 -6.53
#